data_3G2O
#
_entry.id   3G2O
#
_cell.length_a   126.917
_cell.length_b   72.335
_cell.length_c   75.306
_cell.angle_alpha   90.000
_cell.angle_beta   103.890
_cell.angle_gamma   90.000
#
_symmetry.space_group_name_H-M   'C 1 2 1'
#
loop_
_entity.id
_entity.type
_entity.pdbx_description
1 polymer PCZA361.24
2 non-polymer S-ADENOSYLMETHIONINE
3 water water
#
_entity_poly.entity_id   1
_entity_poly.type   'polypeptide(L)'
_entity_poly.pdbx_seq_one_letter_code
;MGSSHHHHHHSGGLVPRGSMSNQLERGPVRTPHADVLLASVGERGVLCDFYDEGAADTYRDLIQDADGTSEAREFATRTG
PVSGPVLELAAGMGRLTFPFLDLGWEVTALELSTSVLAAFRKRLAEAPADVRDRCTLVQGDMSAFALDKRFGTVVISSGS
INELDEADRRGLYASVREHLEPGGKFLLSLAMSEAAESEPLERKQELPGRSGRRYVLHVRHLPAEEIQEITIHPADETTD
PFVVCTHRRRLLAPDQVVRELVRSGFDVIAQTPFASGGAGRKDMVLVEAVMPGATADAR
;
_entity_poly.pdbx_strand_id   A,B
#
loop_
_chem_comp.id
_chem_comp.type
_chem_comp.name
_chem_comp.formula
SAM non-polymer S-ADENOSYLMETHIONINE 'C15 H22 N6 O5 S'
#
# COMPACT_ATOMS: atom_id res chain seq x y z
N GLY A 27 2.74 -4.89 -21.71
CA GLY A 27 3.14 -3.48 -21.36
C GLY A 27 2.10 -2.76 -20.51
N PRO A 28 0.92 -2.49 -21.09
CA PRO A 28 -0.20 -1.88 -20.35
C PRO A 28 -0.93 -2.89 -19.46
N VAL A 29 -1.55 -2.39 -18.40
CA VAL A 29 -2.37 -3.20 -17.50
C VAL A 29 -3.59 -3.77 -18.26
N ARG A 30 -3.70 -5.10 -18.28
CA ARG A 30 -4.84 -5.75 -18.93
C ARG A 30 -5.97 -6.03 -17.92
N THR A 31 -6.92 -5.12 -17.83
CA THR A 31 -8.03 -5.22 -16.86
C THR A 31 -9.17 -6.16 -17.35
N PRO A 32 -9.95 -6.75 -16.41
CA PRO A 32 -11.05 -7.64 -16.82
C PRO A 32 -11.98 -7.00 -17.88
N HIS A 33 -12.34 -5.74 -17.68
CA HIS A 33 -13.22 -5.07 -18.62
C HIS A 33 -12.52 -4.80 -19.97
N ALA A 34 -11.21 -4.56 -19.92
CA ALA A 34 -10.40 -4.41 -21.13
C ALA A 34 -10.27 -5.71 -21.91
N ASP A 35 -10.06 -6.82 -21.18
CA ASP A 35 -9.93 -8.17 -21.74
C ASP A 35 -11.14 -8.48 -22.64
N VAL A 36 -12.34 -8.24 -22.12
CA VAL A 36 -13.60 -8.55 -22.83
C VAL A 36 -13.86 -7.58 -23.99
N LEU A 37 -13.56 -6.29 -23.78
CA LEU A 37 -13.66 -5.28 -24.84
C LEU A 37 -12.83 -5.65 -26.05
N LEU A 38 -11.53 -5.85 -25.84
CA LEU A 38 -10.59 -6.16 -26.91
C LEU A 38 -10.95 -7.45 -27.64
N ALA A 39 -11.37 -8.46 -26.87
CA ALA A 39 -11.82 -9.74 -27.42
C ALA A 39 -12.99 -9.56 -28.38
N SER A 40 -13.97 -8.75 -27.96
CA SER A 40 -15.19 -8.52 -28.73
C SER A 40 -15.08 -7.38 -29.75
N VAL A 41 -13.84 -6.99 -30.07
CA VAL A 41 -13.57 -5.88 -30.98
C VAL A 41 -12.54 -6.28 -32.06
N GLY A 42 -11.73 -7.30 -31.74
CA GLY A 42 -10.85 -7.96 -32.72
C GLY A 42 -9.58 -7.24 -33.12
N GLU A 43 -9.51 -6.87 -34.40
CA GLU A 43 -8.30 -6.26 -34.97
C GLU A 43 -8.24 -4.73 -34.81
N ARG A 44 -9.41 -4.11 -34.65
CA ARG A 44 -9.51 -2.65 -34.43
C ARG A 44 -9.05 -2.24 -33.02
N GLY A 45 -8.96 -3.21 -32.10
CA GLY A 45 -8.63 -2.96 -30.71
C GLY A 45 -7.19 -2.58 -30.45
N VAL A 46 -7.00 -1.51 -29.69
CA VAL A 46 -5.68 -1.09 -29.23
C VAL A 46 -5.69 -0.92 -27.71
N LEU A 47 -4.77 -1.61 -27.04
CA LEU A 47 -4.57 -1.43 -25.61
C LEU A 47 -3.26 -0.67 -25.35
N CYS A 48 -3.38 0.45 -24.65
CA CYS A 48 -2.22 1.21 -24.19
C CYS A 48 -2.47 1.80 -22.80
N ASP A 49 -1.40 2.04 -22.05
CA ASP A 49 -1.51 2.70 -20.75
C ASP A 49 -2.03 4.13 -20.96
N PHE A 50 -2.84 4.62 -20.03
CA PHE A 50 -3.42 5.96 -20.14
C PHE A 50 -2.37 7.08 -20.29
N TYR A 51 -1.18 6.86 -19.71
CA TYR A 51 -0.15 7.88 -19.68
C TYR A 51 0.95 7.75 -20.75
N ASP A 52 0.56 7.73 -22.03
CA ASP A 52 1.50 7.91 -23.14
C ASP A 52 0.89 8.61 -24.37
N GLU A 53 0.63 7.87 -25.46
CA GLU A 53 -0.02 8.43 -26.65
C GLU A 53 -1.51 8.69 -26.37
N GLY A 54 -1.83 9.91 -25.94
CA GLY A 54 -3.14 10.22 -25.39
C GLY A 54 -3.90 11.40 -25.98
N ALA A 55 -4.63 11.13 -27.07
CA ALA A 55 -5.51 12.12 -27.67
C ALA A 55 -6.80 12.26 -26.87
N ASP A 67 -10.06 21.74 -14.48
CA ASP A 67 -9.69 21.34 -13.12
C ASP A 67 -8.61 22.24 -12.53
N GLY A 68 -8.62 22.38 -11.21
CA GLY A 68 -7.56 23.07 -10.51
C GLY A 68 -8.04 24.18 -9.62
N THR A 69 -8.73 25.16 -10.20
CA THR A 69 -9.14 26.39 -9.48
C THR A 69 -9.97 26.14 -8.20
N SER A 70 -10.67 25.00 -8.14
CA SER A 70 -11.51 24.66 -6.98
C SER A 70 -10.78 23.90 -5.86
N GLU A 71 -9.90 22.96 -6.24
CA GLU A 71 -8.97 22.36 -5.28
C GLU A 71 -8.04 23.44 -4.74
N ALA A 72 -7.52 24.27 -5.64
CA ALA A 72 -6.76 25.46 -5.27
C ALA A 72 -7.48 26.32 -4.23
N ARG A 73 -8.79 26.54 -4.42
CA ARG A 73 -9.58 27.35 -3.49
C ARG A 73 -9.73 26.70 -2.13
N GLU A 74 -9.92 25.39 -2.09
CA GLU A 74 -9.86 24.65 -0.81
C GLU A 74 -8.59 24.95 -0.04
N PHE A 75 -7.44 24.89 -0.72
CA PHE A 75 -6.14 25.24 -0.14
C PHE A 75 -6.14 26.69 0.37
N ALA A 76 -6.50 27.63 -0.50
CA ALA A 76 -6.62 29.06 -0.14
C ALA A 76 -7.53 29.31 1.07
N THR A 77 -8.64 28.59 1.13
CA THR A 77 -9.61 28.67 2.23
C THR A 77 -9.03 28.26 3.59
N ARG A 78 -8.11 27.30 3.59
CA ARG A 78 -7.59 26.75 4.86
C ARG A 78 -6.22 27.30 5.24
N THR A 79 -5.67 28.20 4.43
CA THR A 79 -4.39 28.82 4.75
C THR A 79 -4.57 29.89 5.83
N VAL A 82 -2.23 34.86 3.28
CA VAL A 82 -0.96 34.31 3.78
C VAL A 82 0.08 35.40 4.07
N SER A 83 0.89 35.13 5.11
CA SER A 83 1.97 36.03 5.55
C SER A 83 3.09 36.22 4.50
N GLY A 84 3.29 35.21 3.65
CA GLY A 84 4.39 35.21 2.69
C GLY A 84 4.40 33.98 1.77
N PRO A 85 5.60 33.59 1.29
CA PRO A 85 5.83 32.54 0.30
C PRO A 85 5.24 31.17 0.64
N VAL A 86 4.65 30.53 -0.36
CA VAL A 86 4.13 29.17 -0.27
C VAL A 86 5.08 28.23 -1.03
N LEU A 87 5.39 27.07 -0.43
CA LEU A 87 6.08 26.02 -1.18
C LEU A 87 5.10 24.99 -1.74
N GLU A 88 5.09 24.82 -3.05
CA GLU A 88 4.27 23.75 -3.63
C GLU A 88 5.10 22.59 -4.16
N LEU A 89 4.83 21.37 -3.63
CA LEU A 89 5.64 20.18 -3.93
C LEU A 89 5.03 19.38 -5.07
N ALA A 90 5.89 18.89 -5.96
CA ALA A 90 5.45 18.22 -7.17
C ALA A 90 4.41 19.07 -7.91
N ALA A 91 4.83 20.25 -8.38
CA ALA A 91 3.92 21.24 -8.97
C ALA A 91 3.40 20.85 -10.35
N GLY A 92 4.12 19.96 -11.03
CA GLY A 92 3.69 19.45 -12.31
C GLY A 92 3.82 20.56 -13.33
N MET A 93 2.76 20.77 -14.10
CA MET A 93 2.69 21.90 -15.04
C MET A 93 1.94 23.12 -14.50
N GLY A 94 1.59 23.06 -13.21
CA GLY A 94 1.02 24.19 -12.51
C GLY A 94 -0.50 24.25 -12.56
N ARG A 95 -1.14 23.10 -12.62
CA ARG A 95 -2.61 22.99 -12.50
C ARG A 95 -3.12 23.68 -11.22
N LEU A 96 -2.32 23.67 -10.17
CA LEU A 96 -2.66 24.39 -8.95
C LEU A 96 -1.86 25.68 -8.82
N THR A 97 -0.61 25.66 -9.29
CA THR A 97 0.31 26.76 -9.14
C THR A 97 -0.22 28.05 -9.79
N PHE A 98 -0.75 27.94 -11.00
CA PHE A 98 -1.28 29.15 -11.66
C PHE A 98 -2.47 29.74 -10.92
N PRO A 99 -3.50 28.93 -10.58
CA PRO A 99 -4.48 29.42 -9.61
C PRO A 99 -3.89 30.08 -8.35
N PHE A 100 -2.89 29.48 -7.72
CA PHE A 100 -2.23 30.10 -6.54
C PHE A 100 -1.61 31.47 -6.89
N LEU A 101 -0.94 31.54 -8.03
CA LEU A 101 -0.36 32.80 -8.50
C LEU A 101 -1.41 33.89 -8.80
N ASP A 102 -2.60 33.48 -9.24
CA ASP A 102 -3.70 34.40 -9.53
C ASP A 102 -4.30 35.00 -8.25
N LEU A 103 -3.90 34.46 -7.11
CA LEU A 103 -4.36 34.96 -5.82
C LEU A 103 -3.37 35.94 -5.20
N GLY A 104 -2.25 36.16 -5.89
CA GLY A 104 -1.21 37.08 -5.41
C GLY A 104 -0.04 36.40 -4.69
N TRP A 105 -0.16 35.10 -4.44
CA TRP A 105 0.85 34.32 -3.72
C TRP A 105 2.23 34.36 -4.39
N GLU A 106 3.28 34.46 -3.58
CA GLU A 106 4.62 34.10 -4.01
C GLU A 106 4.75 32.58 -3.86
N VAL A 107 4.98 31.88 -4.96
CA VAL A 107 5.07 30.41 -4.93
C VAL A 107 6.43 29.93 -5.38
N THR A 108 7.06 29.07 -4.57
CA THR A 108 8.16 28.25 -5.06
C THR A 108 7.58 26.89 -5.51
N ALA A 109 7.81 26.53 -6.77
CA ALA A 109 7.25 25.30 -7.32
C ALA A 109 8.35 24.27 -7.56
N LEU A 110 8.29 23.19 -6.79
CA LEU A 110 9.29 22.15 -6.88
C LEU A 110 8.77 21.00 -7.72
N GLU A 111 9.61 20.48 -8.61
CA GLU A 111 9.19 19.44 -9.51
C GLU A 111 10.43 18.61 -9.83
N LEU A 112 10.26 17.30 -10.02
CA LEU A 112 11.36 16.35 -10.30
C LEU A 112 11.74 16.27 -11.77
N SER A 113 10.73 16.25 -12.64
CA SER A 113 10.97 16.02 -14.06
C SER A 113 11.42 17.29 -14.80
N THR A 114 12.51 17.15 -15.51
CA THR A 114 13.09 18.24 -16.26
C THR A 114 12.23 18.66 -17.45
N SER A 115 11.57 17.71 -18.10
CA SER A 115 10.71 18.05 -19.23
C SER A 115 9.42 18.71 -18.75
N VAL A 116 8.89 18.23 -17.63
CA VAL A 116 7.75 18.89 -17.01
C VAL A 116 8.08 20.34 -16.61
N LEU A 117 9.26 20.55 -16.01
CA LEU A 117 9.72 21.89 -15.65
C LEU A 117 9.89 22.80 -16.85
N ALA A 118 10.36 22.23 -17.96
CA ALA A 118 10.48 22.96 -19.23
C ALA A 118 9.11 23.42 -19.71
N ALA A 119 8.13 22.52 -19.66
CA ALA A 119 6.74 22.80 -20.01
C ALA A 119 6.11 23.87 -19.12
N PHE A 120 6.39 23.80 -17.82
CA PHE A 120 5.94 24.81 -16.86
C PHE A 120 6.53 26.17 -17.25
N ARG A 121 7.84 26.18 -17.50
CA ARG A 121 8.57 27.39 -17.88
C ARG A 121 7.98 28.04 -19.13
N LYS A 122 7.59 27.21 -20.12
CA LYS A 122 6.93 27.70 -21.34
C LYS A 122 5.62 28.41 -21.02
N ARG A 123 4.79 27.78 -20.17
CA ARG A 123 3.53 28.38 -19.74
C ARG A 123 3.75 29.64 -18.91
N LEU A 124 4.84 29.65 -18.15
CA LEU A 124 5.20 30.80 -17.34
C LEU A 124 5.70 31.99 -18.19
N ALA A 125 6.17 31.71 -19.40
CA ALA A 125 6.70 32.75 -20.30
C ALA A 125 5.58 33.60 -20.92
N GLU A 126 4.41 32.99 -21.11
CA GLU A 126 3.26 33.64 -21.70
C GLU A 126 2.42 34.36 -20.63
N ALA A 127 2.86 34.26 -19.38
CA ALA A 127 2.17 34.84 -18.25
C ALA A 127 2.56 36.30 -18.08
N PRO A 128 1.64 37.12 -17.51
CA PRO A 128 1.94 38.52 -17.18
C PRO A 128 3.19 38.64 -16.30
N ALA A 129 3.99 39.68 -16.53
CA ALA A 129 5.25 39.91 -15.80
C ALA A 129 5.12 39.85 -14.28
N ASP A 130 4.03 40.37 -13.72
CA ASP A 130 3.85 40.34 -12.27
C ASP A 130 3.64 38.91 -11.74
N VAL A 131 2.87 38.10 -12.49
CA VAL A 131 2.68 36.67 -12.18
C VAL A 131 4.02 35.92 -12.30
N ARG A 132 4.73 36.20 -13.40
CA ARG A 132 5.99 35.56 -13.74
C ARG A 132 7.09 35.82 -12.69
N ASP A 133 7.02 36.97 -12.04
CA ASP A 133 8.04 37.33 -11.04
C ASP A 133 7.76 36.78 -9.63
N ARG A 134 6.53 36.33 -9.40
CA ARG A 134 6.14 35.75 -8.11
C ARG A 134 6.30 34.22 -8.06
N CYS A 135 6.82 33.65 -9.15
CA CYS A 135 6.99 32.20 -9.27
C CYS A 135 8.45 31.85 -9.30
N THR A 136 8.86 30.93 -8.43
CA THR A 136 10.20 30.38 -8.43
C THR A 136 10.13 28.88 -8.70
N LEU A 137 10.74 28.47 -9.80
CA LEU A 137 10.74 27.07 -10.22
CA LEU A 137 10.74 27.08 -10.23
C LEU A 137 12.04 26.40 -9.79
N VAL A 138 11.92 25.23 -9.17
CA VAL A 138 13.11 24.51 -8.66
C VAL A 138 13.01 23.03 -8.97
N GLN A 139 14.11 22.45 -9.43
CA GLN A 139 14.14 21.02 -9.62
C GLN A 139 14.51 20.32 -8.31
N GLY A 140 13.73 19.31 -7.91
CA GLY A 140 14.01 18.59 -6.68
C GLY A 140 13.12 17.38 -6.46
N ASP A 141 13.58 16.50 -5.57
CA ASP A 141 12.84 15.32 -5.13
C ASP A 141 12.09 15.66 -3.85
N MET A 142 10.75 15.69 -3.88
CA MET A 142 9.97 16.05 -2.69
C MET A 142 10.14 15.05 -1.51
N SER A 143 10.69 13.87 -1.78
CA SER A 143 11.02 12.91 -0.71
C SER A 143 12.38 13.18 -0.03
N ALA A 144 13.18 14.07 -0.62
CA ALA A 144 14.52 14.33 -0.09
C ALA A 144 15.05 15.60 -0.73
N PHE A 145 14.54 16.74 -0.28
CA PHE A 145 14.86 18.02 -0.87
C PHE A 145 15.38 18.98 0.19
N ALA A 146 16.16 19.97 -0.22
CA ALA A 146 16.72 20.93 0.70
C ALA A 146 16.84 22.27 -0.03
N LEU A 147 16.18 23.29 0.50
CA LEU A 147 16.25 24.66 -0.06
C LEU A 147 16.89 25.60 0.94
N ASP A 148 17.39 26.73 0.45
CA ASP A 148 17.95 27.77 1.33
C ASP A 148 16.83 28.74 1.69
N LYS A 149 15.70 28.19 2.11
CA LYS A 149 14.53 29.00 2.46
C LYS A 149 13.56 28.19 3.33
N ARG A 150 12.83 28.86 4.21
CA ARG A 150 11.72 28.25 4.91
C ARG A 150 10.43 28.93 4.48
N PHE A 151 9.30 28.34 4.80
CA PHE A 151 8.02 28.81 4.26
C PHE A 151 6.95 28.82 5.31
N GLY A 152 5.98 29.72 5.19
CA GLY A 152 4.84 29.74 6.11
C GLY A 152 3.82 28.66 5.79
N THR A 153 3.81 28.20 4.54
CA THR A 153 2.85 27.21 4.03
C THR A 153 3.56 26.28 3.05
N VAL A 154 3.27 24.98 3.15
CA VAL A 154 3.76 23.99 2.19
C VAL A 154 2.54 23.18 1.73
N VAL A 155 2.40 23.00 0.41
CA VAL A 155 1.22 22.31 -0.11
C VAL A 155 1.63 21.14 -1.01
N ILE A 156 0.82 20.08 -0.95
CA ILE A 156 0.99 18.97 -1.85
C ILE A 156 -0.41 18.42 -2.20
N SER A 157 -0.61 18.00 -3.45
CA SER A 157 -1.90 17.48 -3.85
C SER A 157 -1.92 15.95 -3.79
N SER A 158 -3.14 15.39 -3.85
CA SER A 158 -3.33 13.95 -3.72
C SER A 158 -2.49 13.16 -4.72
N GLY A 159 -2.51 13.58 -5.99
CA GLY A 159 -1.82 12.85 -7.05
C GLY A 159 -0.35 12.68 -6.74
N SER A 160 0.20 13.68 -6.05
CA SER A 160 1.62 13.77 -5.80
C SER A 160 2.06 12.88 -4.63
N ILE A 161 1.44 13.01 -3.47
CA ILE A 161 1.80 12.15 -2.33
C ILE A 161 1.57 10.67 -2.61
N ASN A 162 0.56 10.35 -3.41
CA ASN A 162 0.31 8.98 -3.85
C ASN A 162 1.35 8.41 -4.82
N GLU A 163 2.22 9.26 -5.36
CA GLU A 163 3.35 8.81 -6.15
C GLU A 163 4.41 8.11 -5.27
N LEU A 164 4.35 8.33 -3.96
CA LEU A 164 5.46 7.96 -3.06
C LEU A 164 5.14 6.71 -2.27
N ASP A 165 6.08 5.78 -2.20
CA ASP A 165 5.96 4.60 -1.33
C ASP A 165 6.16 4.99 0.12
N GLU A 166 6.09 4.02 1.04
CA GLU A 166 6.02 4.33 2.46
C GLU A 166 7.29 5.01 2.95
N ALA A 167 8.43 4.49 2.52
CA ALA A 167 9.75 5.03 2.89
C ALA A 167 9.92 6.48 2.37
N ASP A 168 9.52 6.73 1.12
CA ASP A 168 9.67 8.03 0.52
C ASP A 168 8.74 9.07 1.14
N ARG A 169 7.56 8.61 1.56
CA ARG A 169 6.65 9.46 2.32
C ARG A 169 7.27 9.91 3.67
N ARG A 170 7.94 9.00 4.40
CA ARG A 170 8.70 9.44 5.59
C ARG A 170 9.75 10.51 5.26
N GLY A 171 10.49 10.33 4.17
CA GLY A 171 11.44 11.34 3.66
C GLY A 171 10.74 12.67 3.37
N LEU A 172 9.58 12.62 2.72
CA LEU A 172 8.75 13.83 2.54
C LEU A 172 8.39 14.55 3.83
N TYR A 173 7.89 13.81 4.84
CA TYR A 173 7.45 14.45 6.08
C TYR A 173 8.61 15.12 6.81
N ALA A 174 9.75 14.45 6.85
CA ALA A 174 10.94 15.00 7.49
C ALA A 174 11.40 16.26 6.73
N SER A 175 11.49 16.20 5.41
CA SER A 175 11.86 17.36 4.59
C SER A 175 10.91 18.54 4.78
N VAL A 176 9.60 18.29 4.81
CA VAL A 176 8.63 19.37 4.99
C VAL A 176 8.86 20.06 6.36
N ARG A 177 8.93 19.27 7.43
CA ARG A 177 9.24 19.81 8.75
C ARG A 177 10.42 20.82 8.74
N GLU A 178 11.46 20.51 7.98
CA GLU A 178 12.66 21.34 7.91
C GLU A 178 12.46 22.64 7.11
N HIS A 179 11.40 22.70 6.31
CA HIS A 179 11.13 23.87 5.46
C HIS A 179 9.96 24.72 5.97
N LEU A 180 9.41 24.36 7.13
CA LEU A 180 8.33 25.11 7.74
C LEU A 180 8.88 26.13 8.71
N GLU A 181 8.42 27.36 8.59
CA GLU A 181 8.72 28.39 9.57
C GLU A 181 7.92 28.05 10.84
N PRO A 182 8.38 28.55 12.01
CA PRO A 182 7.59 28.41 13.24
C PRO A 182 6.11 28.78 13.02
N GLY A 183 5.21 27.91 13.48
CA GLY A 183 3.77 28.11 13.27
C GLY A 183 3.26 27.90 11.85
N GLY A 184 4.14 27.50 10.92
CA GLY A 184 3.77 27.28 9.54
C GLY A 184 2.94 26.02 9.31
N LYS A 185 2.12 26.02 8.25
CA LYS A 185 1.26 24.86 7.97
C LYS A 185 1.61 24.03 6.75
N PHE A 186 1.37 22.72 6.88
CA PHE A 186 1.55 21.76 5.82
C PHE A 186 0.15 21.38 5.39
N LEU A 187 -0.22 21.67 4.14
CA LEU A 187 -1.55 21.36 3.66
C LEU A 187 -1.48 20.28 2.59
N LEU A 188 -2.33 19.27 2.75
CA LEU A 188 -2.39 18.13 1.82
C LEU A 188 -3.83 17.98 1.35
N SER A 189 -4.02 17.62 0.08
CA SER A 189 -5.33 17.15 -0.37
C SER A 189 -5.16 15.67 -0.66
N LEU A 190 -6.19 14.88 -0.38
CA LEU A 190 -6.07 13.43 -0.44
C LEU A 190 -7.36 12.89 -1.01
N ALA A 191 -7.30 12.19 -2.14
CA ALA A 191 -8.51 11.52 -2.65
C ALA A 191 -9.00 10.47 -1.67
N MET A 192 -10.33 10.41 -1.53
CA MET A 192 -11.00 9.53 -0.60
C MET A 192 -11.94 8.59 -1.31
N SER A 193 -11.56 7.31 -1.35
CA SER A 193 -12.36 6.29 -1.99
C SER A 193 -13.62 6.03 -1.18
N GLU A 194 -14.55 5.26 -1.74
CA GLU A 194 -15.78 4.87 -1.03
C GLU A 194 -15.47 4.05 0.23
N ALA A 195 -14.59 3.05 0.11
CA ALA A 195 -14.16 2.28 1.29
C ALA A 195 -13.49 3.17 2.33
N ALA A 196 -12.65 4.12 1.89
CA ALA A 196 -12.04 5.09 2.80
C ALA A 196 -13.07 6.01 3.47
N GLU A 197 -14.16 6.29 2.77
CA GLU A 197 -15.20 7.19 3.30
C GLU A 197 -16.13 6.49 4.30
N SER A 198 -16.45 5.22 4.05
CA SER A 198 -17.36 4.45 4.91
C SER A 198 -16.84 4.26 6.34
N GLU A 199 -17.77 4.16 7.29
CA GLU A 199 -17.44 3.71 8.65
C GLU A 199 -17.12 2.22 8.58
N PRO A 200 -15.89 1.83 9.01
CA PRO A 200 -15.45 0.44 8.93
C PRO A 200 -16.45 -0.51 9.58
N LEU A 201 -16.70 -1.64 8.91
CA LEU A 201 -17.62 -2.64 9.44
C LEU A 201 -17.06 -3.33 10.68
N GLU A 202 -17.83 -3.29 11.76
CA GLU A 202 -17.49 -3.96 13.01
C GLU A 202 -18.09 -5.36 13.04
N ARG A 203 -17.41 -6.28 13.70
CA ARG A 203 -18.01 -7.54 14.08
C ARG A 203 -17.61 -7.95 15.50
N LYS A 204 -18.62 -8.02 16.37
CA LYS A 204 -18.45 -8.27 17.80
C LYS A 204 -18.64 -9.76 18.12
N GLN A 205 -18.25 -10.14 19.34
CA GLN A 205 -18.48 -11.50 19.84
C GLN A 205 -18.93 -11.49 21.29
N VAL A 216 -16.73 -9.08 25.12
CA VAL A 216 -16.98 -8.58 23.77
C VAL A 216 -15.66 -8.28 23.04
N LEU A 217 -15.53 -8.78 21.81
CA LEU A 217 -14.34 -8.53 21.00
C LEU A 217 -14.70 -7.71 19.76
N HIS A 218 -14.33 -6.44 19.77
CA HIS A 218 -14.57 -5.54 18.64
C HIS A 218 -13.44 -5.64 17.61
N VAL A 219 -13.81 -5.95 16.37
CA VAL A 219 -12.86 -6.05 15.27
C VAL A 219 -13.32 -5.15 14.12
N ARG A 220 -12.47 -4.19 13.78
CA ARG A 220 -12.66 -3.35 12.59
C ARG A 220 -11.53 -3.59 11.61
N HIS A 221 -11.84 -3.46 10.33
CA HIS A 221 -10.82 -3.43 9.30
C HIS A 221 -10.81 -2.04 8.71
N LEU A 222 -9.66 -1.38 8.83
CA LEU A 222 -9.52 0.02 8.44
C LEU A 222 -8.78 0.06 7.09
N PRO A 223 -9.29 0.86 6.14
CA PRO A 223 -8.56 0.96 4.88
C PRO A 223 -7.22 1.65 5.15
N ALA A 224 -6.18 1.20 4.47
CA ALA A 224 -4.89 1.86 4.56
C ALA A 224 -4.44 2.25 3.16
N GLU A 225 -4.45 1.28 2.24
CA GLU A 225 -4.04 1.51 0.88
C GLU A 225 -4.82 0.64 -0.10
N GLU A 226 -5.31 1.28 -1.14
CA GLU A 226 -5.94 0.61 -2.29
C GLU A 226 -5.12 0.90 -3.55
N ILE A 227 -5.49 0.20 -4.63
CA ILE A 227 -5.00 0.50 -5.98
C ILE A 227 -6.20 1.01 -6.78
N GLN A 228 -6.12 2.24 -7.27
CA GLN A 228 -7.15 2.75 -8.14
C GLN A 228 -6.86 2.30 -9.58
N GLU A 229 -7.79 1.51 -10.13
CA GLU A 229 -7.66 1.01 -11.49
C GLU A 229 -8.72 1.61 -12.41
N ILE A 230 -8.27 2.24 -13.50
CA ILE A 230 -9.20 2.81 -14.47
C ILE A 230 -9.10 2.11 -15.84
N THR A 231 -10.23 2.07 -16.55
CA THR A 231 -10.30 1.63 -17.92
C THR A 231 -11.11 2.71 -18.64
N ILE A 232 -10.57 3.23 -19.73
CA ILE A 232 -11.24 4.26 -20.54
C ILE A 232 -11.29 3.82 -22.01
N HIS A 233 -12.47 3.92 -22.61
CA HIS A 233 -12.66 3.66 -24.05
C HIS A 233 -13.72 4.60 -24.63
N PRO A 234 -13.75 4.78 -25.97
CA PRO A 234 -14.84 5.58 -26.56
C PRO A 234 -16.19 4.89 -26.39
N ALA A 235 -17.25 5.69 -26.29
CA ALA A 235 -18.59 5.18 -25.99
C ALA A 235 -19.20 4.31 -27.10
N ASP A 236 -18.67 4.44 -28.32
CA ASP A 236 -19.11 3.61 -29.44
C ASP A 236 -18.42 2.23 -29.43
N GLU A 237 -18.33 1.59 -30.60
CA GLU A 237 -17.62 0.32 -30.74
C GLU A 237 -16.71 0.31 -31.96
N THR A 238 -17.12 1.05 -32.98
CA THR A 238 -16.40 1.18 -34.24
C THR A 238 -15.17 2.07 -34.16
N THR A 239 -15.36 3.33 -34.50
CA THR A 239 -14.32 4.34 -34.30
C THR A 239 -13.14 4.40 -35.32
N ASP A 240 -12.72 3.26 -35.83
CA ASP A 240 -11.61 3.14 -36.82
C ASP A 240 -10.36 2.46 -36.20
N PRO A 241 -9.65 3.12 -35.27
CA PRO A 241 -9.00 2.39 -34.17
C PRO A 241 -9.78 2.51 -32.85
N PHE A 242 -10.13 1.37 -32.23
CA PHE A 242 -10.78 1.38 -30.92
C PHE A 242 -9.74 1.27 -29.80
N VAL A 243 -9.34 2.40 -29.23
CA VAL A 243 -8.29 2.39 -28.21
C VAL A 243 -8.83 2.30 -26.78
N VAL A 244 -8.27 1.36 -26.02
CA VAL A 244 -8.67 1.16 -24.64
C VAL A 244 -7.51 1.54 -23.73
N CYS A 245 -7.71 2.56 -22.90
CA CYS A 245 -6.69 3.02 -21.95
C CYS A 245 -6.88 2.43 -20.56
N THR A 246 -5.81 1.89 -20.00
CA THR A 246 -5.82 1.41 -18.63
C THR A 246 -4.71 2.05 -17.80
N HIS A 247 -4.86 2.01 -16.48
CA HIS A 247 -3.82 2.47 -15.55
C HIS A 247 -4.10 1.98 -14.15
N ARG A 248 -3.03 1.69 -13.41
CA ARG A 248 -3.11 1.35 -11.99
C ARG A 248 -2.25 2.30 -11.17
N ARG A 249 -2.83 2.86 -10.12
CA ARG A 249 -2.10 3.75 -9.23
C ARG A 249 -2.45 3.59 -7.74
N ARG A 250 -1.52 4.02 -6.89
CA ARG A 250 -1.63 3.96 -5.45
C ARG A 250 -2.72 4.91 -5.04
N LEU A 251 -3.50 4.48 -4.05
CA LEU A 251 -4.54 5.32 -3.48
C LEU A 251 -4.56 5.08 -1.98
N LEU A 252 -3.88 5.96 -1.25
CA LEU A 252 -3.87 5.90 0.18
C LEU A 252 -5.18 6.41 0.77
N ALA A 253 -5.58 5.79 1.89
CA ALA A 253 -6.68 6.30 2.73
C ALA A 253 -6.27 7.59 3.42
N PRO A 254 -7.11 8.64 3.38
CA PRO A 254 -6.74 9.87 4.09
C PRO A 254 -6.33 9.66 5.55
N ASP A 255 -7.08 8.84 6.28
CA ASP A 255 -6.72 8.46 7.67
C ASP A 255 -5.38 7.76 7.84
N GLN A 256 -4.95 7.00 6.82
CA GLN A 256 -3.61 6.40 6.83
C GLN A 256 -2.49 7.47 6.77
N VAL A 257 -2.64 8.44 5.90
CA VAL A 257 -1.68 9.54 5.78
C VAL A 257 -1.67 10.34 7.07
N VAL A 258 -2.86 10.58 7.63
CA VAL A 258 -2.97 11.24 8.94
C VAL A 258 -2.20 10.47 10.05
N ARG A 259 -2.36 9.14 10.10
CA ARG A 259 -1.62 8.30 11.06
C ARG A 259 -0.12 8.46 10.83
N GLU A 260 0.31 8.46 9.57
CA GLU A 260 1.72 8.63 9.22
C GLU A 260 2.31 10.00 9.61
N LEU A 261 1.54 11.08 9.38
CA LEU A 261 1.93 12.42 9.76
C LEU A 261 2.12 12.55 11.30
N VAL A 262 1.17 12.04 12.07
CA VAL A 262 1.28 12.05 13.55
C VAL A 262 2.54 11.30 13.98
N ARG A 263 2.72 10.11 13.41
CA ARG A 263 3.90 9.30 13.69
C ARG A 263 5.18 10.07 13.36
N SER A 264 5.12 10.91 12.34
CA SER A 264 6.26 11.66 11.89
C SER A 264 6.54 12.89 12.72
N GLY A 265 5.63 13.25 13.61
CA GLY A 265 5.88 14.38 14.51
C GLY A 265 4.95 15.56 14.32
N PHE A 266 4.04 15.49 13.35
CA PHE A 266 3.06 16.57 13.12
C PHE A 266 1.85 16.41 14.00
N ASP A 267 1.21 17.53 14.32
CA ASP A 267 -0.16 17.53 14.84
C ASP A 267 -1.10 17.83 13.69
N VAL A 268 -2.04 16.92 13.45
CA VAL A 268 -3.05 17.11 12.42
C VAL A 268 -4.26 17.82 13.03
N ILE A 269 -4.47 19.07 12.66
CA ILE A 269 -5.39 19.94 13.40
C ILE A 269 -6.75 20.09 12.72
N ALA A 270 -6.88 19.59 11.49
CA ALA A 270 -8.16 19.59 10.75
C ALA A 270 -8.11 18.68 9.53
N GLN A 271 -9.27 18.08 9.22
CA GLN A 271 -9.45 17.26 8.03
C GLN A 271 -10.84 17.60 7.52
N THR A 272 -10.91 18.23 6.36
CA THR A 272 -12.19 18.64 5.79
C THR A 272 -12.44 17.96 4.44
N PRO A 273 -13.49 17.14 4.36
CA PRO A 273 -13.85 16.54 3.07
C PRO A 273 -14.38 17.62 2.13
N PHE A 274 -14.12 17.46 0.83
CA PHE A 274 -14.58 18.39 -0.20
C PHE A 274 -14.70 17.66 -1.53
N ALA A 275 -15.47 18.25 -2.46
CA ALA A 275 -15.65 17.67 -3.80
C ALA A 275 -14.66 18.28 -4.78
N SER A 276 -13.96 17.42 -5.51
CA SER A 276 -12.91 17.85 -6.43
C SER A 276 -13.45 18.66 -7.60
N GLY A 277 -14.72 18.43 -7.94
CA GLY A 277 -15.41 19.26 -8.91
C GLY A 277 -16.48 20.10 -8.25
N GLY A 278 -16.10 20.83 -7.21
CA GLY A 278 -16.97 21.81 -6.53
C GLY A 278 -18.29 21.31 -5.96
N ALA A 279 -18.87 20.30 -6.61
CA ALA A 279 -20.16 19.74 -6.23
C ALA A 279 -20.22 18.24 -6.50
N GLY A 280 -21.16 17.56 -5.87
CA GLY A 280 -21.30 16.11 -5.98
C GLY A 280 -20.78 15.46 -4.69
N ARG A 281 -20.45 14.17 -4.75
CA ARG A 281 -19.90 13.48 -3.59
C ARG A 281 -18.58 14.11 -3.19
N LYS A 282 -18.39 14.29 -1.89
CA LYS A 282 -17.11 14.75 -1.37
C LYS A 282 -16.14 13.58 -1.58
N ASP A 283 -15.20 13.75 -2.51
CA ASP A 283 -14.27 12.68 -2.92
C ASP A 283 -12.79 12.97 -2.54
N MET A 284 -12.58 13.94 -1.66
CA MET A 284 -11.25 14.45 -1.36
C MET A 284 -11.26 15.02 0.06
N VAL A 285 -10.13 14.97 0.74
CA VAL A 285 -9.99 15.50 2.09
C VAL A 285 -8.85 16.53 2.12
N LEU A 286 -9.10 17.68 2.75
CA LEU A 286 -8.07 18.70 2.97
C LEU A 286 -7.53 18.57 4.38
N VAL A 287 -6.27 18.16 4.48
CA VAL A 287 -5.65 17.93 5.79
C VAL A 287 -4.73 19.10 6.11
N GLU A 288 -4.82 19.58 7.35
CA GLU A 288 -3.92 20.61 7.84
C GLU A 288 -3.04 20.05 8.94
N ALA A 289 -1.74 20.23 8.81
CA ALA A 289 -0.82 19.73 9.81
C ALA A 289 0.17 20.81 10.21
N VAL A 290 0.51 20.84 11.50
CA VAL A 290 1.52 21.76 12.02
C VAL A 290 2.49 21.03 12.94
N MET A 291 3.64 21.63 13.17
CA MET A 291 4.58 21.12 14.17
C MET A 291 4.14 21.54 15.57
N PRO A 292 4.22 20.62 16.55
CA PRO A 292 3.86 21.14 17.86
C PRO A 292 5.04 21.94 18.44
N GLY A 293 4.71 22.86 19.33
CA GLY A 293 5.70 23.71 20.01
C GLY A 293 5.02 24.98 20.49
N PRO B 28 0.57 3.19 23.26
CA PRO B 28 -0.84 2.89 23.49
C PRO B 28 -1.74 3.63 22.49
N VAL B 29 -2.50 2.86 21.70
CA VAL B 29 -3.41 3.43 20.69
C VAL B 29 -4.80 3.61 21.30
N ARG B 30 -5.30 4.84 21.25
CA ARG B 30 -6.64 5.17 21.76
C ARG B 30 -7.65 5.19 20.62
N THR B 31 -8.27 4.04 20.37
CA THR B 31 -9.26 3.86 19.31
C THR B 31 -10.55 4.65 19.62
N PRO B 32 -11.41 4.89 18.59
CA PRO B 32 -12.65 5.64 18.83
C PRO B 32 -13.56 5.03 19.90
N HIS B 33 -13.24 3.80 20.30
CA HIS B 33 -14.00 3.09 21.33
C HIS B 33 -13.30 3.20 22.70
N ALA B 34 -12.94 4.42 23.09
CA ALA B 34 -12.28 4.67 24.36
C ALA B 34 -13.03 5.72 25.19
N CYS B 48 -4.47 0.59 27.95
CA CYS B 48 -3.93 -0.76 27.97
C CYS B 48 -3.94 -1.37 26.57
N ASP B 49 -2.81 -1.99 26.20
CA ASP B 49 -2.66 -2.69 24.92
C ASP B 49 -3.08 -4.16 25.02
N PHE B 50 -2.99 -4.87 23.91
CA PHE B 50 -3.26 -6.30 23.87
C PHE B 50 -1.96 -7.11 23.88
N TYR B 51 -0.84 -6.44 23.64
CA TYR B 51 0.49 -7.07 23.71
C TYR B 51 1.46 -6.24 24.51
N ALA B 66 -4.37 -20.15 18.62
CA ALA B 66 -5.13 -21.12 17.86
C ALA B 66 -4.21 -22.20 17.27
N ASP B 67 -4.68 -23.45 17.30
CA ASP B 67 -3.91 -24.63 16.88
C ASP B 67 -3.54 -24.62 15.40
N GLY B 68 -2.28 -24.93 15.10
CA GLY B 68 -1.79 -24.83 13.74
C GLY B 68 -1.93 -26.08 12.88
N THR B 69 -2.61 -27.10 13.40
CA THR B 69 -2.71 -28.39 12.71
C THR B 69 -3.32 -28.25 11.29
N SER B 70 -4.43 -27.52 11.19
CA SER B 70 -5.16 -27.38 9.93
C SER B 70 -4.36 -26.57 8.91
N GLU B 71 -3.76 -25.48 9.36
CA GLU B 71 -2.95 -24.64 8.50
C GLU B 71 -1.75 -25.42 7.99
N ALA B 72 -1.14 -26.19 8.87
CA ALA B 72 0.02 -27.02 8.55
C ALA B 72 -0.31 -28.07 7.52
N ARG B 73 -1.47 -28.70 7.66
CA ARG B 73 -1.92 -29.72 6.69
C ARG B 73 -2.14 -29.11 5.31
N GLU B 74 -2.60 -27.86 5.28
CA GLU B 74 -2.74 -27.13 4.03
C GLU B 74 -1.40 -26.89 3.31
N PHE B 75 -0.36 -26.54 4.07
CA PHE B 75 1.00 -26.48 3.53
C PHE B 75 1.41 -27.85 2.97
N ALA B 76 1.13 -28.91 3.71
CA ALA B 76 1.52 -30.26 3.30
C ALA B 76 0.79 -30.73 2.02
N THR B 77 -0.45 -30.29 1.85
CA THR B 77 -1.25 -30.57 0.64
C THR B 77 -0.58 -30.00 -0.61
N ARG B 78 -0.09 -28.77 -0.50
CA ARG B 78 0.42 -28.05 -1.65
C ARG B 78 1.91 -28.26 -1.91
N THR B 79 2.52 -29.18 -1.18
CA THR B 79 3.93 -29.52 -1.41
C THR B 79 4.10 -30.93 -2.01
N GLY B 80 3.31 -31.88 -1.53
CA GLY B 80 3.31 -33.24 -2.05
C GLY B 80 4.47 -34.09 -1.53
N PRO B 81 5.42 -34.47 -2.43
CA PRO B 81 6.45 -35.43 -2.04
C PRO B 81 7.39 -34.91 -0.94
N VAL B 82 7.89 -33.67 -1.10
CA VAL B 82 8.96 -33.10 -0.26
C VAL B 82 10.05 -34.10 0.18
N SER B 83 11.07 -34.20 -0.66
CA SER B 83 12.35 -34.76 -0.27
C SER B 83 13.14 -33.65 0.41
N GLY B 84 13.83 -34.00 1.49
CA GLY B 84 14.74 -33.07 2.16
C GLY B 84 14.11 -32.04 3.08
N PRO B 85 14.97 -31.29 3.80
CA PRO B 85 14.59 -30.33 4.82
C PRO B 85 13.69 -29.18 4.33
N VAL B 86 12.87 -28.67 5.26
CA VAL B 86 12.00 -27.54 5.00
C VAL B 86 12.45 -26.38 5.89
N LEU B 87 12.58 -25.19 5.31
CA LEU B 87 12.89 -23.99 6.08
C LEU B 87 11.61 -23.23 6.43
N GLU B 88 11.33 -23.07 7.72
CA GLU B 88 10.19 -22.29 8.15
C GLU B 88 10.64 -20.94 8.71
N LEU B 89 10.17 -19.85 8.12
CA LEU B 89 10.63 -18.50 8.49
C LEU B 89 9.75 -17.92 9.59
N ALA B 90 10.38 -17.32 10.61
CA ALA B 90 9.66 -16.71 11.75
C ALA B 90 8.79 -17.74 12.46
N ALA B 91 9.46 -18.83 12.86
CA ALA B 91 8.78 -20.05 13.33
C ALA B 91 8.09 -19.87 14.68
N GLY B 92 8.40 -18.79 15.38
CA GLY B 92 7.76 -18.48 16.66
C GLY B 92 8.13 -19.54 17.68
N MET B 93 7.18 -19.94 18.52
CA MET B 93 7.45 -21.14 19.32
C MET B 93 6.89 -22.46 18.77
N GLY B 94 6.74 -22.53 17.45
CA GLY B 94 6.45 -23.81 16.78
C GLY B 94 4.97 -24.15 16.61
N ARG B 95 4.12 -23.13 16.60
CA ARG B 95 2.68 -23.32 16.37
C ARG B 95 2.44 -24.13 15.08
N LEU B 96 3.26 -23.91 14.05
CA LEU B 96 3.22 -24.71 12.83
C LEU B 96 4.31 -25.78 12.79
N THR B 97 5.46 -25.50 13.42
CA THR B 97 6.64 -26.37 13.34
C THR B 97 6.38 -27.74 13.96
N PHE B 98 5.70 -27.77 15.09
CA PHE B 98 5.36 -29.04 15.69
C PHE B 98 4.43 -29.88 14.80
N PRO B 99 3.33 -29.28 14.28
CA PRO B 99 2.56 -30.01 13.24
C PRO B 99 3.37 -30.47 12.03
N PHE B 100 4.32 -29.65 11.55
CA PHE B 100 5.23 -30.04 10.45
C PHE B 100 6.09 -31.24 10.81
N LEU B 101 6.67 -31.22 12.01
CA LEU B 101 7.47 -32.34 12.50
C LEU B 101 6.63 -33.62 12.60
N ASP B 102 5.37 -33.48 13.02
CA ASP B 102 4.43 -34.61 13.09
C ASP B 102 4.11 -35.23 11.72
N LEU B 103 4.38 -34.51 10.64
CA LEU B 103 4.22 -35.05 9.29
C LEU B 103 5.48 -35.79 8.84
N GLY B 104 6.49 -35.84 9.71
CA GLY B 104 7.76 -36.49 9.41
C GLY B 104 8.81 -35.60 8.76
N TRP B 105 8.45 -34.34 8.51
CA TRP B 105 9.37 -33.37 7.93
C TRP B 105 10.61 -33.12 8.80
N GLU B 106 11.74 -32.89 8.14
CA GLU B 106 12.90 -32.31 8.76
C GLU B 106 12.78 -30.79 8.60
N VAL B 107 12.82 -30.05 9.70
CA VAL B 107 12.56 -28.59 9.65
C VAL B 107 13.69 -27.75 10.27
N THR B 108 14.23 -26.83 9.48
CA THR B 108 15.04 -25.73 9.99
C THR B 108 14.10 -24.57 10.31
N ALA B 109 13.98 -24.24 11.60
CA ALA B 109 13.06 -23.22 12.09
C ALA B 109 13.84 -21.98 12.43
N LEU B 110 13.56 -20.90 11.69
CA LEU B 110 14.27 -19.62 11.88
C LEU B 110 13.40 -18.63 12.68
N GLU B 111 13.99 -17.98 13.67
CA GLU B 111 13.24 -17.08 14.55
C GLU B 111 14.19 -15.98 15.02
N LEU B 112 13.69 -14.75 15.08
CA LEU B 112 14.51 -13.61 15.48
C LEU B 112 14.68 -13.45 16.99
N SER B 113 13.63 -13.73 17.74
CA SER B 113 13.65 -13.40 19.17
C SER B 113 14.33 -14.47 20.08
N THR B 114 15.33 -14.02 20.84
CA THR B 114 16.04 -14.82 21.85
C THR B 114 15.04 -15.46 22.81
N SER B 115 14.13 -14.63 23.29
CA SER B 115 13.15 -15.01 24.27
C SER B 115 12.18 -16.07 23.72
N VAL B 116 11.77 -15.89 22.46
CA VAL B 116 10.85 -16.81 21.79
C VAL B 116 11.59 -18.11 21.51
N LEU B 117 12.86 -18.01 21.10
CA LEU B 117 13.72 -19.18 20.92
C LEU B 117 13.84 -20.04 22.17
N ALA B 118 14.11 -19.43 23.32
CA ALA B 118 14.10 -20.14 24.60
C ALA B 118 12.81 -20.94 24.83
N ALA B 119 11.64 -20.34 24.54
CA ALA B 119 10.34 -21.02 24.71
C ALA B 119 10.21 -22.22 23.78
N PHE B 120 10.61 -22.03 22.52
CA PHE B 120 10.66 -23.09 21.51
C PHE B 120 11.58 -24.23 21.96
N ARG B 121 12.77 -23.89 22.46
CA ARG B 121 13.77 -24.88 22.88
C ARG B 121 13.22 -25.73 24.03
N LYS B 122 12.56 -25.09 24.98
CA LYS B 122 11.92 -25.76 26.10
C LYS B 122 10.83 -26.74 25.63
N ARG B 123 9.97 -26.29 24.72
CA ARG B 123 8.94 -27.15 24.14
C ARG B 123 9.57 -28.37 23.44
N LEU B 124 10.65 -28.13 22.69
CA LEU B 124 11.40 -29.20 22.01
C LEU B 124 11.99 -30.25 22.96
N ALA B 125 12.49 -29.80 24.12
CA ALA B 125 12.99 -30.69 25.19
C ALA B 125 11.88 -31.59 25.75
N GLU B 126 10.65 -31.08 25.75
CA GLU B 126 9.46 -31.83 26.18
C GLU B 126 8.94 -32.87 25.16
N ALA B 127 9.31 -32.70 23.89
CA ALA B 127 8.89 -33.59 22.80
C ALA B 127 9.73 -34.87 22.78
N PRO B 128 9.24 -35.96 22.12
CA PRO B 128 10.08 -37.16 22.03
C PRO B 128 11.38 -36.87 21.26
N ALA B 129 12.38 -37.70 21.50
CA ALA B 129 13.71 -37.55 20.90
C ALA B 129 13.68 -37.50 19.37
N ASP B 130 12.86 -38.34 18.76
CA ASP B 130 12.74 -38.38 17.30
C ASP B 130 12.18 -37.09 16.70
N VAL B 131 11.20 -36.48 17.38
CA VAL B 131 10.67 -35.15 17.00
C VAL B 131 11.76 -34.08 17.14
N ARG B 132 12.31 -33.93 18.34
CA ARG B 132 13.33 -32.90 18.64
C ARG B 132 14.54 -33.01 17.72
N ASP B 133 14.92 -34.25 17.40
CA ASP B 133 16.06 -34.56 16.53
C ASP B 133 15.89 -34.10 15.08
N ARG B 134 14.64 -33.92 14.63
CA ARG B 134 14.36 -33.49 13.26
C ARG B 134 14.24 -31.95 13.11
N CYS B 135 14.37 -31.24 14.23
CA CYS B 135 14.21 -29.78 14.26
C CYS B 135 15.53 -29.06 14.53
N THR B 136 15.94 -28.20 13.59
CA THR B 136 17.13 -27.36 13.76
C THR B 136 16.70 -25.89 13.98
N LEU B 137 16.95 -25.36 15.18
CA LEU B 137 16.63 -23.98 15.50
C LEU B 137 17.75 -23.03 15.09
N VAL B 138 17.39 -21.90 14.48
CA VAL B 138 18.35 -20.89 14.09
C VAL B 138 17.83 -19.48 14.41
N GLN B 139 18.68 -18.65 15.02
CA GLN B 139 18.34 -17.26 15.24
C GLN B 139 18.66 -16.52 13.96
N GLY B 140 17.67 -15.81 13.43
CA GLY B 140 17.89 -14.95 12.27
C GLY B 140 16.71 -14.04 11.95
N ASP B 141 16.94 -13.17 10.97
CA ASP B 141 15.98 -12.17 10.53
C ASP B 141 15.47 -12.62 9.18
N MET B 142 14.19 -12.95 9.11
CA MET B 142 13.55 -13.42 7.86
C MET B 142 13.63 -12.41 6.70
N SER B 143 13.81 -11.12 7.02
CA SER B 143 13.96 -10.11 5.99
C SER B 143 15.40 -9.98 5.46
N ALA B 144 16.36 -10.65 6.12
CA ALA B 144 17.78 -10.61 5.74
C ALA B 144 18.56 -11.70 6.45
N PHE B 145 18.74 -12.84 5.80
CA PHE B 145 19.42 -13.97 6.41
C PHE B 145 20.24 -14.72 5.40
N ALA B 146 21.23 -15.46 5.89
CA ALA B 146 22.12 -16.26 5.06
C ALA B 146 22.56 -17.52 5.82
N LEU B 147 22.13 -18.66 5.32
CA LEU B 147 22.35 -19.93 5.93
C LEU B 147 23.34 -20.70 5.10
N ASP B 148 23.74 -20.13 3.97
CA ASP B 148 24.64 -20.83 3.11
C ASP B 148 24.13 -22.22 3.12
N LYS B 149 23.07 -22.44 2.39
CA LYS B 149 22.44 -23.73 2.36
C LYS B 149 21.11 -23.53 1.72
N ARG B 150 20.73 -24.44 0.87
CA ARG B 150 19.49 -24.28 0.10
C ARG B 150 18.48 -25.35 0.48
N PHE B 151 17.19 -25.09 0.22
CA PHE B 151 16.11 -25.98 0.63
C PHE B 151 15.13 -26.25 -0.50
N GLY B 152 14.54 -27.43 -0.48
CA GLY B 152 13.51 -27.81 -1.46
C GLY B 152 12.21 -27.06 -1.24
N THR B 153 11.97 -26.65 0.01
CA THR B 153 10.75 -25.97 0.41
C THR B 153 11.04 -24.87 1.44
N VAL B 154 10.43 -23.70 1.24
CA VAL B 154 10.49 -22.60 2.20
C VAL B 154 9.06 -22.18 2.56
N VAL B 155 8.80 -22.05 3.85
CA VAL B 155 7.45 -21.83 4.36
C VAL B 155 7.36 -20.57 5.24
N ILE B 156 6.30 -19.79 5.05
CA ILE B 156 6.03 -18.65 5.94
C ILE B 156 4.53 -18.49 6.18
N SER B 157 4.17 -18.26 7.43
CA SER B 157 2.78 -17.98 7.84
C SER B 157 2.31 -16.52 7.66
N SER B 158 0.99 -16.33 7.57
CA SER B 158 0.38 -15.01 7.42
C SER B 158 0.78 -14.01 8.52
N GLY B 159 0.73 -14.46 9.78
CA GLY B 159 1.05 -13.60 10.93
C GLY B 159 2.47 -13.09 10.79
N SER B 160 3.32 -13.93 10.22
CA SER B 160 4.70 -13.58 10.02
C SER B 160 4.90 -12.56 8.89
N ILE B 161 4.39 -12.85 7.71
CA ILE B 161 4.60 -11.92 6.58
C ILE B 161 4.01 -10.54 6.87
N ASN B 162 2.85 -10.50 7.51
CA ASN B 162 2.23 -9.24 7.90
C ASN B 162 3.00 -8.45 8.96
N GLU B 163 4.07 -9.04 9.49
CA GLU B 163 4.96 -8.33 10.42
C GLU B 163 5.87 -7.34 9.68
N LEU B 164 6.08 -7.57 8.38
CA LEU B 164 7.08 -6.80 7.64
C LEU B 164 6.44 -5.70 6.81
N ASP B 165 7.12 -4.55 6.77
CA ASP B 165 6.74 -3.47 5.88
C ASP B 165 7.25 -3.76 4.47
N GLU B 166 7.00 -2.84 3.54
CA GLU B 166 7.22 -3.10 2.13
C GLU B 166 8.67 -3.37 1.83
N ALA B 167 9.56 -2.53 2.35
CA ALA B 167 10.99 -2.69 2.13
C ALA B 167 11.49 -4.00 2.70
N ASP B 168 11.05 -4.33 3.92
CA ASP B 168 11.43 -5.62 4.57
C ASP B 168 10.89 -6.87 3.84
N ARG B 169 9.69 -6.76 3.27
CA ARG B 169 9.17 -7.85 2.44
C ARG B 169 10.05 -8.12 1.22
N ARG B 170 10.57 -7.06 0.59
CA ARG B 170 11.54 -7.23 -0.51
C ARG B 170 12.82 -7.94 -0.07
N GLY B 171 13.31 -7.63 1.13
CA GLY B 171 14.44 -8.35 1.72
C GLY B 171 14.11 -9.83 1.91
N LEU B 172 12.94 -10.11 2.49
CA LEU B 172 12.39 -11.46 2.55
C LEU B 172 12.39 -12.18 1.18
N TYR B 173 11.77 -11.59 0.16
CA TYR B 173 11.66 -12.26 -1.14
C TYR B 173 13.05 -12.62 -1.67
N ALA B 174 13.98 -11.68 -1.57
CA ALA B 174 15.34 -11.84 -2.06
C ALA B 174 16.13 -12.90 -1.29
N SER B 175 16.01 -12.87 0.04
CA SER B 175 16.60 -13.92 0.90
C SER B 175 16.11 -15.31 0.52
N VAL B 176 14.80 -15.44 0.31
CA VAL B 176 14.18 -16.70 -0.10
C VAL B 176 14.75 -17.18 -1.44
N ARG B 177 14.84 -16.30 -2.44
CA ARG B 177 15.45 -16.64 -3.73
C ARG B 177 16.82 -17.31 -3.56
N GLU B 178 17.61 -16.82 -2.61
CA GLU B 178 18.95 -17.33 -2.35
C GLU B 178 19.00 -18.65 -1.60
N HIS B 179 17.86 -19.07 -1.05
CA HIS B 179 17.79 -20.30 -0.25
C HIS B 179 16.87 -21.35 -0.86
N LEU B 180 16.40 -21.10 -2.08
CA LEU B 180 15.64 -22.10 -2.83
C LEU B 180 16.54 -22.84 -3.83
N GLU B 181 16.47 -24.16 -3.81
CA GLU B 181 17.14 -24.97 -4.82
C GLU B 181 16.29 -24.95 -6.10
N PRO B 182 16.90 -25.28 -7.27
CA PRO B 182 16.14 -25.20 -8.52
C PRO B 182 14.88 -26.07 -8.52
N GLY B 183 13.75 -25.47 -8.88
CA GLY B 183 12.45 -26.15 -8.78
C GLY B 183 11.88 -26.20 -7.35
N GLY B 184 12.53 -25.49 -6.41
CA GLY B 184 12.08 -25.43 -5.03
C GLY B 184 10.81 -24.59 -4.89
N LYS B 185 10.04 -24.86 -3.83
CA LYS B 185 8.75 -24.19 -3.60
C LYS B 185 8.80 -23.19 -2.45
N PHE B 186 8.24 -22.00 -2.67
CA PHE B 186 8.06 -21.01 -1.61
C PHE B 186 6.58 -20.91 -1.31
N LEU B 187 6.18 -21.34 -0.11
CA LEU B 187 4.76 -21.38 0.26
C LEU B 187 4.43 -20.39 1.36
N LEU B 188 3.34 -19.67 1.15
CA LEU B 188 2.90 -18.64 2.10
C LEU B 188 1.44 -18.87 2.42
N SER B 189 1.04 -18.66 3.67
CA SER B 189 -0.38 -18.51 3.95
C SER B 189 -0.63 -17.04 4.26
N LEU B 190 -1.84 -16.57 3.96
CA LEU B 190 -2.16 -15.15 3.99
C LEU B 190 -3.62 -14.99 4.41
N ALA B 191 -3.87 -14.28 5.50
CA ALA B 191 -5.24 -13.99 5.91
C ALA B 191 -5.93 -13.13 4.83
N MET B 192 -7.21 -13.41 4.59
CA MET B 192 -7.99 -12.75 3.53
C MET B 192 -9.21 -12.15 4.19
N SER B 193 -9.24 -10.82 4.26
CA SER B 193 -10.38 -10.12 4.84
C SER B 193 -11.58 -10.14 3.90
N GLU B 194 -12.69 -9.57 4.36
CA GLU B 194 -13.93 -9.44 3.59
C GLU B 194 -13.74 -8.60 2.35
N ALA B 195 -13.03 -7.47 2.51
CA ALA B 195 -12.74 -6.57 1.40
C ALA B 195 -11.81 -7.25 0.41
N ALA B 196 -10.82 -8.00 0.93
CA ALA B 196 -9.88 -8.72 0.07
C ALA B 196 -10.54 -9.80 -0.81
N GLU B 197 -11.53 -10.51 -0.27
CA GLU B 197 -12.19 -11.55 -1.06
C GLU B 197 -13.27 -11.03 -2.02
N SER B 198 -13.87 -9.88 -1.69
CA SER B 198 -15.02 -9.34 -2.44
C SER B 198 -14.63 -8.84 -3.81
N GLU B 199 -15.56 -8.94 -4.77
CA GLU B 199 -15.37 -8.28 -6.05
C GLU B 199 -15.51 -6.77 -5.87
N PRO B 200 -14.50 -6.00 -6.32
CA PRO B 200 -14.58 -4.53 -6.26
C PRO B 200 -15.74 -3.95 -7.06
N LEU B 201 -16.49 -3.03 -6.45
CA LEU B 201 -17.56 -2.28 -7.11
C LEU B 201 -16.99 -1.33 -8.17
N GLU B 202 -17.31 -1.61 -9.43
CA GLU B 202 -16.86 -0.81 -10.55
C GLU B 202 -17.81 0.39 -10.73
N ARG B 203 -17.23 1.57 -10.84
CA ARG B 203 -17.97 2.80 -11.14
C ARG B 203 -17.81 3.19 -12.60
N LYS B 204 -18.94 3.55 -13.23
CA LYS B 204 -18.99 3.86 -14.65
C LYS B 204 -19.48 5.30 -14.85
N GLN B 205 -18.78 6.07 -15.67
CA GLN B 205 -19.17 7.45 -15.98
C GLN B 205 -18.99 7.80 -17.47
N GLU B 206 -19.98 8.50 -18.03
CA GLU B 206 -19.92 8.94 -19.43
C GLU B 206 -19.36 10.36 -19.51
N LEU B 207 -18.24 10.52 -20.21
CA LEU B 207 -17.56 11.82 -20.29
C LEU B 207 -17.25 12.30 -21.72
N PRO B 208 -17.52 13.60 -21.99
CA PRO B 208 -17.16 14.21 -23.27
C PRO B 208 -15.75 14.79 -23.27
N GLY B 212 -16.41 17.01 -27.71
CA GLY B 212 -16.42 16.18 -28.91
C GLY B 212 -16.71 14.71 -28.63
N ARG B 213 -15.68 13.88 -28.76
CA ARG B 213 -15.80 12.43 -28.60
C ARG B 213 -16.24 12.03 -27.20
N ARG B 214 -17.17 11.08 -27.12
CA ARG B 214 -17.65 10.55 -25.84
C ARG B 214 -16.84 9.33 -25.40
N TYR B 215 -16.38 9.37 -24.16
CA TYR B 215 -15.70 8.22 -23.56
C TYR B 215 -16.49 7.63 -22.40
N VAL B 216 -16.25 6.35 -22.12
CA VAL B 216 -16.75 5.71 -20.92
C VAL B 216 -15.56 5.39 -20.01
N LEU B 217 -15.59 5.96 -18.82
CA LEU B 217 -14.59 5.73 -17.79
C LEU B 217 -15.08 4.68 -16.79
N HIS B 218 -14.30 3.62 -16.62
CA HIS B 218 -14.55 2.60 -15.61
C HIS B 218 -13.48 2.71 -14.50
N VAL B 219 -13.92 2.84 -13.25
CA VAL B 219 -13.00 2.95 -12.08
C VAL B 219 -13.30 1.86 -11.06
N ARG B 220 -12.28 1.09 -10.67
CA ARG B 220 -12.36 0.12 -9.56
C ARG B 220 -11.24 0.43 -8.56
N HIS B 221 -11.50 0.15 -7.28
CA HIS B 221 -10.45 0.17 -6.25
C HIS B 221 -10.17 -1.25 -5.78
N LEU B 222 -8.94 -1.71 -6.00
CA LEU B 222 -8.48 -3.04 -5.56
C LEU B 222 -7.83 -2.97 -4.18
N PRO B 223 -8.16 -3.92 -3.29
CA PRO B 223 -7.62 -4.01 -1.94
C PRO B 223 -6.11 -4.19 -1.97
N ALA B 224 -5.40 -3.51 -1.10
CA ALA B 224 -3.96 -3.72 -1.04
C ALA B 224 -3.47 -3.93 0.38
N GLU B 225 -3.81 -2.99 1.26
CA GLU B 225 -3.45 -3.08 2.67
C GLU B 225 -4.56 -2.47 3.50
N GLU B 226 -4.89 -3.14 4.60
CA GLU B 226 -5.80 -2.66 5.61
C GLU B 226 -5.11 -2.75 6.97
N ILE B 227 -5.76 -2.21 7.98
CA ILE B 227 -5.34 -2.37 9.36
C ILE B 227 -6.40 -3.22 10.05
N GLN B 228 -5.99 -4.29 10.71
CA GLN B 228 -6.89 -5.00 11.60
C GLN B 228 -6.81 -4.40 13.00
N GLU B 229 -7.93 -3.81 13.43
CA GLU B 229 -8.02 -3.15 14.72
C GLU B 229 -8.82 -3.99 15.70
N ILE B 230 -8.25 -4.23 16.88
CA ILE B 230 -8.91 -5.00 17.94
C ILE B 230 -8.98 -4.20 19.23
N THR B 231 -10.21 -4.05 19.74
CA THR B 231 -10.44 -3.52 21.08
C THR B 231 -11.03 -4.66 21.93
N ILE B 232 -10.24 -5.14 22.89
CA ILE B 232 -10.70 -6.19 23.82
C ILE B 232 -11.54 -5.57 24.92
N HIS B 233 -12.70 -6.17 25.19
CA HIS B 233 -13.74 -5.52 25.97
C HIS B 233 -14.34 -6.43 27.06
N PRO B 234 -14.06 -6.13 28.35
CA PRO B 234 -14.73 -6.82 29.47
C PRO B 234 -16.25 -6.61 29.43
N ALA B 235 -17.00 -7.70 29.53
CA ALA B 235 -18.43 -7.71 29.20
C ALA B 235 -19.38 -6.89 30.09
N ASP B 236 -19.11 -6.86 31.40
CA ASP B 236 -19.95 -6.11 32.34
C ASP B 236 -19.80 -4.59 32.18
N VAL B 244 -9.91 -2.41 29.29
CA VAL B 244 -10.09 -2.26 27.83
C VAL B 244 -8.76 -2.27 27.08
N CYS B 245 -8.54 -3.33 26.30
CA CYS B 245 -7.27 -3.55 25.61
C CYS B 245 -7.32 -3.11 24.15
N THR B 246 -6.13 -2.94 23.55
CA THR B 246 -5.99 -2.34 22.21
C THR B 246 -4.96 -3.07 21.31
N HIS B 247 -5.30 -3.23 20.03
CA HIS B 247 -4.29 -3.55 19.02
C HIS B 247 -4.65 -3.22 17.56
N ARG B 248 -3.68 -2.64 16.84
CA ARG B 248 -3.73 -2.48 15.38
C ARG B 248 -2.59 -3.29 14.74
N ARG B 249 -2.92 -4.17 13.79
CA ARG B 249 -1.90 -4.84 12.96
C ARG B 249 -2.14 -4.72 11.41
N ARG B 250 -1.06 -4.85 10.65
CA ARG B 250 -1.11 -4.88 9.20
C ARG B 250 -1.89 -6.09 8.69
N LEU B 251 -2.69 -5.88 7.66
CA LEU B 251 -3.40 -6.97 6.99
C LEU B 251 -3.31 -6.76 5.48
N LEU B 252 -2.35 -7.43 4.85
CA LEU B 252 -2.15 -7.32 3.41
C LEU B 252 -3.19 -8.17 2.69
N ALA B 253 -3.60 -7.74 1.49
CA ALA B 253 -4.49 -8.53 0.63
C ALA B 253 -3.62 -9.57 -0.04
N PRO B 254 -4.08 -10.84 -0.09
CA PRO B 254 -3.32 -11.87 -0.79
C PRO B 254 -2.90 -11.46 -2.21
N ASP B 255 -3.80 -10.81 -2.95
CA ASP B 255 -3.49 -10.29 -4.29
C ASP B 255 -2.29 -9.33 -4.29
N GLN B 256 -2.21 -8.45 -3.30
CA GLN B 256 -1.06 -7.55 -3.10
C GLN B 256 0.28 -8.28 -2.94
N VAL B 257 0.33 -9.24 -2.01
CA VAL B 257 1.53 -10.09 -1.88
C VAL B 257 1.85 -10.81 -3.18
N VAL B 258 0.84 -11.36 -3.85
CA VAL B 258 1.10 -12.04 -5.14
C VAL B 258 1.75 -11.04 -6.15
N ARG B 259 1.21 -9.83 -6.28
CA ARG B 259 1.82 -8.79 -7.13
C ARG B 259 3.29 -8.59 -6.75
N GLU B 260 3.57 -8.49 -5.46
CA GLU B 260 4.93 -8.31 -4.94
C GLU B 260 5.85 -9.48 -5.29
N LEU B 261 5.34 -10.70 -5.20
CA LEU B 261 6.13 -11.89 -5.51
C LEU B 261 6.57 -11.90 -6.97
N VAL B 262 5.62 -11.65 -7.87
CA VAL B 262 5.87 -11.59 -9.32
C VAL B 262 6.92 -10.52 -9.62
N ARG B 263 6.75 -9.33 -9.05
CA ARG B 263 7.68 -8.22 -9.15
C ARG B 263 9.11 -8.57 -8.68
N SER B 264 9.21 -9.51 -7.75
CA SER B 264 10.51 -9.90 -7.20
C SER B 264 11.08 -11.15 -7.90
N GLY B 265 10.41 -11.60 -8.95
CA GLY B 265 10.96 -12.66 -9.79
C GLY B 265 10.25 -13.99 -9.76
N PHE B 266 9.33 -14.18 -8.82
CA PHE B 266 8.65 -15.46 -8.68
C PHE B 266 7.52 -15.65 -9.69
N ASP B 267 7.25 -16.90 -10.03
CA ASP B 267 5.99 -17.25 -10.68
C ASP B 267 5.08 -17.79 -9.61
N VAL B 268 3.87 -17.24 -9.53
CA VAL B 268 2.86 -17.72 -8.60
C VAL B 268 1.95 -18.71 -9.29
N ILE B 269 2.14 -19.99 -8.98
CA ILE B 269 1.46 -21.05 -9.72
C ILE B 269 0.08 -21.40 -9.17
N ALA B 270 -0.20 -21.02 -7.93
CA ALA B 270 -1.48 -21.34 -7.28
C ALA B 270 -1.76 -20.47 -6.06
N GLN B 271 -3.05 -20.22 -5.85
CA GLN B 271 -3.55 -19.48 -4.71
C GLN B 271 -4.83 -20.19 -4.29
N THR B 272 -4.77 -20.93 -3.20
CA THR B 272 -5.89 -21.76 -2.76
C THR B 272 -6.49 -21.21 -1.46
N PRO B 273 -7.75 -20.73 -1.52
CA PRO B 273 -8.34 -20.33 -0.24
C PRO B 273 -8.57 -21.55 0.66
N PHE B 274 -8.51 -21.35 1.97
CA PHE B 274 -8.80 -22.40 2.95
C PHE B 274 -9.27 -21.76 4.25
N ALA B 275 -9.86 -22.58 5.12
CA ALA B 275 -10.29 -22.14 6.43
C ALA B 275 -9.18 -22.39 7.43
N SER B 276 -8.70 -21.33 8.09
CA SER B 276 -7.56 -21.42 9.02
C SER B 276 -7.77 -22.48 10.10
N GLY B 277 -8.98 -22.53 10.65
CA GLY B 277 -9.33 -23.48 11.69
C GLY B 277 -9.83 -24.83 11.16
N GLY B 278 -9.82 -25.02 9.83
CA GLY B 278 -10.12 -26.33 9.24
C GLY B 278 -11.60 -26.62 8.97
N ALA B 279 -12.43 -25.63 9.27
CA ALA B 279 -13.89 -25.73 9.08
C ALA B 279 -14.48 -24.34 8.92
N GLY B 280 -15.57 -24.24 8.17
CA GLY B 280 -16.28 -22.97 7.99
C GLY B 280 -15.76 -22.12 6.85
N ARG B 281 -16.00 -20.81 6.94
CA ARG B 281 -15.63 -19.86 5.89
C ARG B 281 -14.12 -19.86 5.62
N LYS B 282 -13.75 -19.80 4.35
CA LYS B 282 -12.36 -19.78 3.96
C LYS B 282 -11.80 -18.37 4.16
N ASP B 283 -10.92 -18.22 5.14
CA ASP B 283 -10.42 -16.92 5.58
C ASP B 283 -8.92 -16.74 5.34
N MET B 284 -8.33 -17.64 4.56
CA MET B 284 -6.92 -17.60 4.25
C MET B 284 -6.68 -18.07 2.83
N VAL B 285 -5.50 -17.77 2.32
CA VAL B 285 -5.07 -18.24 1.01
C VAL B 285 -3.71 -18.87 1.15
N LEU B 286 -3.53 -20.04 0.53
CA LEU B 286 -2.22 -20.65 0.39
C LEU B 286 -1.63 -20.35 -0.99
N VAL B 287 -0.52 -19.63 -0.98
CA VAL B 287 0.16 -19.19 -2.20
C VAL B 287 1.37 -20.07 -2.42
N GLU B 288 1.44 -20.72 -3.60
CA GLU B 288 2.63 -21.42 -4.04
C GLU B 288 3.37 -20.58 -5.05
N ALA B 289 4.63 -20.25 -4.74
CA ALA B 289 5.50 -19.52 -5.64
C ALA B 289 6.74 -20.34 -5.96
N VAL B 290 7.20 -20.26 -7.20
CA VAL B 290 8.41 -20.97 -7.65
C VAL B 290 9.30 -20.03 -8.45
N MET B 291 10.59 -20.35 -8.53
CA MET B 291 11.53 -19.53 -9.27
C MET B 291 11.75 -20.10 -10.68
N PRO B 292 11.48 -19.30 -11.73
CA PRO B 292 11.72 -19.69 -13.12
C PRO B 292 13.19 -19.63 -13.51
N SAM C . 0.45 19.04 -8.08
CA SAM C . 0.14 18.85 -9.54
C SAM C . -1.36 18.89 -9.78
O SAM C . -2.18 18.92 -8.84
OXT SAM C . -1.80 18.88 -10.95
CB SAM C . 0.78 17.59 -10.14
CG SAM C . 0.54 16.25 -9.42
SD SAM C . 0.88 14.82 -10.50
CE SAM C . -0.32 13.58 -9.96
C5' SAM C . 2.48 14.12 -10.03
C4' SAM C . 3.67 15.04 -10.36
O4' SAM C . 4.66 14.79 -9.40
C3' SAM C . 4.34 14.85 -11.71
O3' SAM C . 4.64 16.13 -12.22
C2' SAM C . 5.67 14.14 -11.41
O2' SAM C . 6.73 14.47 -12.30
C1' SAM C . 5.92 14.71 -10.02
N9 SAM C . 6.77 13.90 -9.16
C8 SAM C . 6.81 12.54 -9.05
N7 SAM C . 7.72 12.22 -8.10
C5 SAM C . 8.26 13.36 -7.63
C6 SAM C . 9.22 13.59 -6.65
N6 SAM C . 9.80 12.56 -6.02
N1 SAM C . 9.53 14.92 -6.37
C2 SAM C . 8.95 15.99 -7.03
N3 SAM C . 7.98 15.75 -8.00
C4 SAM C . 7.65 14.45 -8.28
N SAM D . 4.81 -19.03 12.17
CA SAM D . 4.31 -18.76 13.56
C SAM D . 2.81 -19.04 13.68
O SAM D . 2.11 -19.30 12.69
OXT SAM D . 2.28 -19.02 14.79
CB SAM D . 4.66 -17.35 14.08
CG SAM D . 3.88 -16.11 13.58
SD SAM D . 4.00 -14.67 14.71
CE SAM D . 2.57 -13.65 14.31
C5' SAM D . 5.42 -13.73 14.10
C4' SAM D . 6.74 -14.27 14.66
O4' SAM D . 7.80 -13.82 13.84
C3' SAM D . 7.07 -13.85 16.09
O3' SAM D . 7.47 -14.99 16.82
C2' SAM D . 8.24 -12.87 15.97
O2' SAM D . 9.20 -12.95 17.03
C1' SAM D . 8.86 -13.33 14.66
N9 SAM D . 9.52 -12.29 13.88
C8 SAM D . 9.16 -10.96 13.75
N7 SAM D . 10.04 -10.40 12.90
C5 SAM D . 10.93 -11.34 12.50
C6 SAM D . 12.01 -11.29 11.65
N6 SAM D . 12.32 -10.13 11.06
N1 SAM D . 12.73 -12.48 11.42
C2 SAM D . 12.38 -13.68 12.03
N3 SAM D . 11.31 -13.70 12.89
C4 SAM D . 10.60 -12.55 13.11
#